data_2E1M
#
_entry.id   2E1M
#
_cell.length_a   123.875
_cell.length_b   123.875
_cell.length_c   168.762
_cell.angle_alpha   90.00
_cell.angle_beta   90.00
_cell.angle_gamma   120.00
#
_symmetry.space_group_name_H-M   'P 61 2 2'
#
loop_
_entity.id
_entity.type
_entity.pdbx_description
1 polymer 'L-glutamate oxidase'
2 polymer 'L-glutamate oxidase'
3 polymer 'L-glutamate oxidase'
4 non-polymer 'PHOSPHATE ION'
5 non-polymer 'FLAVIN-ADENINE DINUCLEOTIDE'
#
loop_
_entity_poly.entity_id
_entity_poly.type
_entity_poly.pdbx_seq_one_letter_code
_entity_poly.pdbx_strand_id
1 'polypeptide(L)'
;ANEMTYEQLARELLLVGPAPTNEDLKLRYLDVLIDNGLNPPGPPKRILIVGAGIAGLVAGDLLTRAGHDVTILEANANRV
GGRIKTFHAKKGEPSPFADPAQYAEAGAMRLPSFHPLTLALIDKLGLKRRLFFNVDIDPQTGNQDAPVPPVFYKSFKDGK
TWTNGAPSPEFKEPDKRNHTWIRTNREQVRRAQYATDPSSINEGFHLTGCETRLTVSDMVNQALEPVRDYYSVKQDDGTR
VNKPFKEWLAGWADVVRDFDGYSMGRFLREYAEFSDEAVEAIGTIENMTSRLHLAFFHSFLGRSDIDPRATYWEIEGGSR
MLPETLAKDLRDQIVMGQRMVRLEYYDPGRDGHHGELTGPGGPAVAIQTVPEGEPY
;
A
2 'polypeptide(L)'
;AATQTWTGDLAIVTIPFSSLRFVKVTPPFSYKKRRAVIETHYDQATKVLLEFSRRWWEFTEADWKRELDAIAPGLYDYYQ
QWGEDDAEAALALPQSVRNLPTGLLGAHPSVDESRIGEEQVEYYRNSELR
;
B
3 'polypeptide(L)'
;GGVRPATNAYGGGSTTDNPNRFMYYPSHPVPGTQGGVVLAAYSWSDDAARWDSFDDAERYGYALENLQSVHGRRIEVFYT
GAGQTQSWLRDPYACGEAAVYTPHQMTAFHLDVVRPEGPVYFAGEHVSLKHAWIEGAVETAVRAAIAVNEAPVGDTGVTA
AAGRRGAAAATEPMREEALTS
;
C
#
# COMPACT_ATOMS: atom_id res chain seq x y z
N MET A 4 12.65 -16.57 23.50
CA MET A 4 11.32 -15.97 23.78
C MET A 4 11.00 -14.86 22.78
N THR A 5 12.02 -14.39 22.06
CA THR A 5 11.83 -13.33 21.07
C THR A 5 10.90 -13.75 19.93
N TYR A 6 10.87 -15.03 19.60
CA TYR A 6 9.99 -15.48 18.52
C TYR A 6 8.55 -15.28 18.90
N GLU A 7 8.16 -15.76 20.08
CA GLU A 7 6.78 -15.63 20.52
C GLU A 7 6.38 -14.16 20.55
N GLN A 8 7.30 -13.33 21.06
CA GLN A 8 7.05 -11.91 21.14
C GLN A 8 6.73 -11.34 19.78
N LEU A 9 7.42 -11.81 18.75
CA LEU A 9 7.18 -11.34 17.39
C LEU A 9 5.80 -11.75 16.92
N ALA A 10 5.46 -13.02 17.11
CA ALA A 10 4.13 -13.50 16.73
C ALA A 10 3.05 -12.61 17.38
N ARG A 11 3.28 -12.24 18.64
CA ARG A 11 2.35 -11.37 19.35
C ARG A 11 2.17 -10.09 18.52
N GLU A 12 3.30 -9.42 18.28
CA GLU A 12 3.32 -8.19 17.51
C GLU A 12 2.65 -8.37 16.15
N LEU A 13 2.97 -9.48 15.51
CA LEU A 13 2.41 -9.76 14.21
C LEU A 13 0.90 -9.90 14.30
N LEU A 14 0.47 -10.75 15.23
CA LEU A 14 -0.93 -11.08 15.44
C LEU A 14 -1.78 -10.04 16.18
N LEU A 15 -1.11 -9.13 16.89
CA LEU A 15 -1.77 -8.10 17.69
C LEU A 15 -2.40 -8.76 18.92
N VAL A 16 -1.56 -9.48 19.65
CA VAL A 16 -2.00 -10.17 20.86
C VAL A 16 -1.31 -9.61 22.11
N GLY A 17 -2.12 -9.29 23.12
CA GLY A 17 -1.58 -8.77 24.36
C GLY A 17 -0.75 -9.78 25.12
N PRO A 18 -0.31 -9.42 26.34
CA PRO A 18 0.51 -10.27 27.21
C PRO A 18 -0.15 -11.57 27.70
N ALA A 19 0.70 -12.57 27.89
CA ALA A 19 0.36 -13.93 28.30
C ALA A 19 -0.88 -14.16 29.17
N PRO A 20 -1.05 -13.39 30.24
CA PRO A 20 -2.25 -13.65 31.04
C PRO A 20 -3.55 -13.65 30.22
N THR A 21 -4.03 -12.46 29.89
CA THR A 21 -5.26 -12.34 29.14
C THR A 21 -5.18 -12.69 27.66
N ASN A 22 -4.14 -12.19 27.00
CA ASN A 22 -3.95 -12.39 25.56
C ASN A 22 -5.02 -11.61 24.85
N GLU A 23 -5.09 -10.33 25.19
CA GLU A 23 -6.07 -9.43 24.61
C GLU A 23 -5.90 -9.27 23.10
N ASP A 24 -7.01 -9.03 22.41
CA ASP A 24 -7.02 -8.84 20.96
C ASP A 24 -6.97 -7.34 20.72
N LEU A 25 -5.76 -6.83 20.48
CA LEU A 25 -5.51 -5.41 20.26
C LEU A 25 -6.29 -4.74 19.14
N LYS A 26 -6.77 -5.52 18.19
CA LYS A 26 -7.50 -4.93 17.08
C LYS A 26 -8.80 -4.37 17.64
N LEU A 27 -9.28 -5.01 18.70
CA LEU A 27 -10.51 -4.59 19.37
C LEU A 27 -10.25 -3.28 20.10
N ARG A 28 -9.21 -3.27 20.94
CA ARG A 28 -8.89 -2.06 21.68
C ARG A 28 -8.69 -0.85 20.79
N TYR A 29 -7.97 -1.01 19.68
CA TYR A 29 -7.71 0.08 18.74
C TYR A 29 -9.00 0.53 18.05
N LEU A 30 -9.85 -0.44 17.69
CA LEU A 30 -11.12 -0.13 17.04
C LEU A 30 -11.95 0.69 18.02
N ASP A 31 -11.82 0.32 19.28
CA ASP A 31 -12.49 0.95 20.40
C ASP A 31 -12.06 2.41 20.52
N VAL A 32 -10.77 2.60 20.80
CA VAL A 32 -10.19 3.91 20.96
C VAL A 32 -10.29 4.82 19.73
N LEU A 33 -10.29 4.23 18.53
CA LEU A 33 -10.33 5.07 17.34
C LEU A 33 -11.70 5.32 16.75
N ILE A 34 -12.58 4.34 16.92
CA ILE A 34 -13.93 4.46 16.37
C ILE A 34 -15.04 4.74 17.38
N ASP A 35 -15.10 3.93 18.44
CA ASP A 35 -16.13 4.04 19.46
C ASP A 35 -16.06 5.20 20.46
N ASN A 36 -15.23 5.02 21.49
CA ASN A 36 -15.07 6.00 22.57
C ASN A 36 -13.98 7.05 22.33
N GLY A 37 -12.75 6.56 22.23
CA GLY A 37 -11.61 7.45 22.04
C GLY A 37 -10.75 7.09 23.24
N LEU A 38 -9.70 7.85 23.49
CA LEU A 38 -8.88 7.53 24.65
C LEU A 38 -9.77 7.59 25.91
N ASN A 39 -10.10 6.40 26.44
CA ASN A 39 -10.97 6.25 27.62
C ASN A 39 -10.65 7.21 28.78
N PRO A 40 -9.74 6.83 29.69
CA PRO A 40 -9.54 7.86 30.73
C PRO A 40 -8.42 8.82 30.34
N PRO A 41 -8.77 10.05 29.90
CA PRO A 41 -7.82 11.08 29.49
C PRO A 41 -6.78 11.39 30.56
N GLY A 42 -5.82 10.49 30.74
CA GLY A 42 -4.77 10.65 31.73
C GLY A 42 -4.21 12.05 31.94
N PRO A 43 -3.20 12.19 32.81
CA PRO A 43 -2.58 13.48 33.11
C PRO A 43 -2.33 14.33 31.87
N PRO A 44 -3.22 15.30 31.61
CA PRO A 44 -3.03 16.15 30.42
C PRO A 44 -1.61 16.68 30.32
N LYS A 45 -0.90 16.28 29.26
CA LYS A 45 0.48 16.74 29.08
C LYS A 45 0.73 17.41 27.74
N ARG A 46 1.91 17.98 27.63
CA ARG A 46 2.35 18.67 26.43
C ARG A 46 2.90 17.59 25.48
N ILE A 47 2.38 17.50 24.27
CA ILE A 47 2.87 16.44 23.37
C ILE A 47 3.42 16.84 22.00
N LEU A 48 4.62 16.37 21.71
CA LEU A 48 5.27 16.65 20.44
C LEU A 48 5.14 15.49 19.45
N ILE A 49 4.41 15.73 18.38
CA ILE A 49 4.22 14.72 17.34
C ILE A 49 4.93 15.15 16.05
N VAL A 50 5.93 14.39 15.63
CA VAL A 50 6.62 14.73 14.40
C VAL A 50 6.06 13.98 13.22
N GLY A 51 5.69 14.72 12.19
CA GLY A 51 5.14 14.10 11.00
C GLY A 51 3.64 14.15 10.95
N ALA A 52 3.13 14.80 9.90
CA ALA A 52 1.70 14.93 9.68
C ALA A 52 1.25 13.93 8.63
N GLY A 53 1.81 12.72 8.72
CA GLY A 53 1.43 11.66 7.81
C GLY A 53 0.20 11.03 8.44
N ILE A 54 -0.35 9.96 7.86
CA ILE A 54 -1.54 9.37 8.50
C ILE A 54 -1.30 9.00 9.96
N ALA A 55 -0.15 8.41 10.27
CA ALA A 55 0.15 8.03 11.64
C ALA A 55 0.03 9.24 12.57
N GLY A 56 0.73 10.31 12.23
CA GLY A 56 0.70 11.50 13.07
C GLY A 56 -0.68 12.10 13.23
N LEU A 57 -1.36 12.32 12.11
CA LEU A 57 -2.70 12.90 12.15
C LEU A 57 -3.67 12.12 13.03
N VAL A 58 -3.58 10.80 13.01
CA VAL A 58 -4.49 9.97 13.82
C VAL A 58 -4.19 10.09 15.33
N ALA A 59 -2.92 9.98 15.70
CA ALA A 59 -2.54 10.07 17.10
C ALA A 59 -2.77 11.50 17.60
N GLY A 60 -2.37 12.47 16.78
CA GLY A 60 -2.55 13.86 17.15
C GLY A 60 -4.01 14.21 17.32
N ASP A 61 -4.88 13.46 16.66
CA ASP A 61 -6.31 13.73 16.76
C ASP A 61 -6.90 13.04 17.98
N LEU A 62 -6.56 11.78 18.22
CA LEU A 62 -7.08 11.10 19.38
C LEU A 62 -6.65 11.84 20.61
N LEU A 63 -5.37 12.17 20.69
CA LEU A 63 -4.79 12.88 21.83
C LEU A 63 -5.35 14.29 22.05
N THR A 64 -5.61 15.01 20.97
CA THR A 64 -6.17 16.34 21.14
C THR A 64 -7.58 16.21 21.69
N ARG A 65 -8.35 15.34 21.07
CA ARG A 65 -9.72 15.11 21.49
C ARG A 65 -9.83 14.67 22.95
N ALA A 66 -8.73 14.18 23.53
CA ALA A 66 -8.72 13.73 24.91
C ALA A 66 -8.07 14.77 25.82
N GLY A 67 -8.01 16.01 25.36
CA GLY A 67 -7.44 17.07 26.15
C GLY A 67 -5.96 16.90 26.48
N HIS A 68 -5.12 17.39 25.57
CA HIS A 68 -3.68 17.34 25.71
C HIS A 68 -3.17 18.49 24.85
N ASP A 69 -1.98 18.99 25.15
CA ASP A 69 -1.42 20.07 24.35
C ASP A 69 -0.55 19.45 23.27
N VAL A 70 -1.20 19.18 22.14
CA VAL A 70 -0.60 18.55 20.99
C VAL A 70 -0.07 19.49 19.92
N THR A 71 1.17 19.28 19.52
CA THR A 71 1.76 20.06 18.42
C THR A 71 2.29 19.04 17.42
N ILE A 72 1.84 19.16 16.17
CA ILE A 72 2.26 18.25 15.11
C ILE A 72 3.19 18.94 14.12
N LEU A 73 4.49 18.69 14.25
CA LEU A 73 5.51 19.30 13.37
C LEU A 73 5.62 18.56 12.02
N GLU A 74 5.38 19.29 10.93
CA GLU A 74 5.41 18.71 9.58
C GLU A 74 6.38 19.39 8.59
N ALA A 75 7.39 18.65 8.14
CA ALA A 75 8.39 19.22 7.22
C ALA A 75 7.81 19.76 5.92
N ASN A 76 6.81 19.08 5.37
CA ASN A 76 6.24 19.55 4.13
C ASN A 76 5.63 20.92 4.37
N ALA A 77 5.71 21.81 3.39
CA ALA A 77 5.17 23.15 3.55
C ALA A 77 3.76 23.33 3.02
N ASN A 78 3.27 22.39 2.22
CA ASN A 78 1.95 22.53 1.61
C ASN A 78 1.10 21.28 1.67
N ARG A 79 1.66 20.18 2.15
CA ARG A 79 0.86 18.97 2.16
C ARG A 79 1.04 18.09 3.38
N VAL A 80 -0.07 17.52 3.83
CA VAL A 80 -0.07 16.58 4.95
C VAL A 80 -0.53 15.29 4.26
N GLY A 81 -0.44 14.16 4.93
CA GLY A 81 -0.84 12.92 4.30
C GLY A 81 0.34 12.03 4.00
N GLY A 82 1.53 12.62 3.87
CA GLY A 82 2.72 11.85 3.60
C GLY A 82 2.65 10.97 2.37
N ARG A 83 2.87 9.67 2.54
CA ARG A 83 2.83 8.75 1.43
C ARG A 83 1.40 8.52 0.92
N ILE A 84 0.51 9.44 1.26
CA ILE A 84 -0.87 9.42 0.79
C ILE A 84 -1.02 10.76 0.09
N LYS A 85 -0.66 10.75 -1.19
CA LYS A 85 -0.70 11.95 -2.01
C LYS A 85 -1.64 11.68 -3.18
N THR A 86 -2.29 12.73 -3.67
CA THR A 86 -3.20 12.58 -4.79
C THR A 86 -3.10 13.79 -5.69
N PHE A 87 -2.83 13.56 -6.97
CA PHE A 87 -2.75 14.66 -7.95
C PHE A 87 -4.16 15.18 -8.21
N HIS A 88 -4.38 16.47 -7.97
CA HIS A 88 -5.68 17.08 -8.23
C HIS A 88 -5.49 18.58 -8.37
N ALA A 89 -6.35 19.23 -9.14
CA ALA A 89 -6.26 20.68 -9.34
C ALA A 89 -6.34 21.37 -7.98
N LYS A 90 -5.39 22.27 -7.69
CA LYS A 90 -5.35 22.99 -6.41
C LYS A 90 -5.75 24.45 -6.56
N LYS A 91 -6.94 24.81 -6.06
CA LYS A 91 -7.45 26.17 -6.12
C LYS A 91 -6.33 27.19 -6.17
N GLY A 92 -6.11 27.80 -7.33
CA GLY A 92 -5.07 28.81 -7.44
C GLY A 92 -3.90 28.53 -8.37
N GLU A 93 -3.79 27.32 -8.92
CA GLU A 93 -2.69 26.98 -9.81
C GLU A 93 -3.12 25.95 -10.86
N PRO A 94 -2.21 25.61 -11.80
CA PRO A 94 -2.46 24.64 -12.88
C PRO A 94 -2.89 23.26 -12.38
N SER A 95 -3.81 22.64 -13.10
CA SER A 95 -4.29 21.32 -12.72
C SER A 95 -3.26 20.33 -13.22
N PRO A 96 -3.06 19.21 -12.49
CA PRO A 96 -2.10 18.19 -12.86
C PRO A 96 -2.31 17.61 -14.26
N PHE A 97 -3.57 17.55 -14.69
CA PHE A 97 -3.90 17.01 -16.00
C PHE A 97 -4.67 18.04 -16.82
N ALA A 98 -4.71 17.86 -18.14
CA ALA A 98 -5.42 18.77 -19.03
C ALA A 98 -6.86 19.00 -18.53
N ASP A 99 -7.55 17.91 -18.20
CA ASP A 99 -8.90 18.00 -17.67
C ASP A 99 -8.72 18.30 -16.19
N PRO A 100 -9.11 19.51 -15.76
CA PRO A 100 -9.01 19.97 -14.36
C PRO A 100 -9.74 19.10 -13.33
N ALA A 101 -10.65 18.27 -13.82
CA ALA A 101 -11.43 17.40 -12.97
C ALA A 101 -10.81 16.02 -12.77
N GLN A 102 -9.66 15.79 -13.37
CA GLN A 102 -9.03 14.49 -13.25
C GLN A 102 -8.09 14.42 -12.06
N TYR A 103 -7.88 13.22 -11.55
CA TYR A 103 -6.98 13.03 -10.42
C TYR A 103 -6.54 11.59 -10.34
N ALA A 104 -5.35 11.36 -9.79
CA ALA A 104 -4.84 10.01 -9.64
C ALA A 104 -3.94 9.88 -8.40
N GLU A 105 -3.72 8.64 -7.98
CA GLU A 105 -2.89 8.40 -6.82
C GLU A 105 -1.37 8.35 -7.08
N ALA A 106 -0.63 9.09 -6.27
CA ALA A 106 0.83 9.10 -6.38
C ALA A 106 1.36 8.09 -5.34
N GLY A 107 0.49 7.69 -4.42
CA GLY A 107 0.86 6.74 -3.37
C GLY A 107 -0.24 5.72 -3.10
N ALA A 108 -0.74 5.64 -1.86
CA ALA A 108 -1.80 4.68 -1.51
C ALA A 108 -3.04 4.80 -2.40
N MET A 109 -3.59 3.67 -2.83
CA MET A 109 -4.75 3.70 -3.72
C MET A 109 -5.87 2.71 -3.40
N ARG A 110 -5.57 1.67 -2.63
CA ARG A 110 -6.63 0.70 -2.30
C ARG A 110 -6.60 0.23 -0.85
N LEU A 111 -7.80 0.03 -0.30
CA LEU A 111 -7.96 -0.40 1.08
C LEU A 111 -8.66 -1.74 1.23
N PRO A 112 -7.97 -2.72 1.79
CA PRO A 112 -8.46 -4.09 2.01
C PRO A 112 -9.62 -4.17 3.01
N SER A 113 -10.52 -5.14 2.79
CA SER A 113 -11.66 -5.35 3.66
C SER A 113 -11.14 -5.73 5.05
N PHE A 114 -10.08 -6.54 5.09
CA PHE A 114 -9.49 -6.97 6.35
C PHE A 114 -8.58 -5.93 7.01
N HIS A 115 -8.90 -4.66 6.78
CA HIS A 115 -8.18 -3.55 7.37
C HIS A 115 -9.24 -2.64 8.00
N PRO A 116 -9.86 -3.13 9.09
CA PRO A 116 -10.92 -2.57 9.94
C PRO A 116 -10.69 -1.11 10.35
N LEU A 117 -9.58 -0.88 11.06
CA LEU A 117 -9.24 0.45 11.52
C LEU A 117 -9.42 1.53 10.46
N THR A 118 -8.68 1.39 9.36
CA THR A 118 -8.71 2.35 8.25
C THR A 118 -10.08 2.46 7.58
N LEU A 119 -10.70 1.30 7.34
CA LEU A 119 -12.00 1.29 6.69
C LEU A 119 -12.99 2.08 7.52
N ALA A 120 -13.15 1.65 8.77
CA ALA A 120 -14.05 2.29 9.73
C ALA A 120 -13.67 3.76 9.91
N LEU A 121 -12.37 4.03 10.05
CA LEU A 121 -11.90 5.40 10.22
C LEU A 121 -12.41 6.26 9.09
N ILE A 122 -12.32 5.76 7.87
CA ILE A 122 -12.78 6.52 6.72
C ILE A 122 -14.28 6.81 6.82
N ASP A 123 -15.02 5.81 7.30
CA ASP A 123 -16.46 5.96 7.45
C ASP A 123 -16.78 7.00 8.51
N LYS A 124 -16.25 6.79 9.72
CA LYS A 124 -16.47 7.71 10.83
C LYS A 124 -16.29 9.16 10.41
N LEU A 125 -15.25 9.43 9.62
CA LEU A 125 -15.01 10.78 9.17
C LEU A 125 -16.03 11.22 8.12
N GLY A 126 -17.02 10.36 7.88
CA GLY A 126 -18.04 10.70 6.91
C GLY A 126 -17.53 10.83 5.49
N LEU A 127 -16.74 9.83 5.08
CA LEU A 127 -16.17 9.79 3.73
C LEU A 127 -16.79 8.66 2.91
N LYS A 128 -17.14 8.94 1.66
CA LYS A 128 -17.76 7.92 0.83
C LYS A 128 -16.67 6.98 0.29
N ARG A 129 -16.88 5.66 0.38
CA ARG A 129 -15.88 4.75 -0.14
C ARG A 129 -16.37 3.78 -1.21
N ARG A 130 -15.90 3.98 -2.44
CA ARG A 130 -16.28 3.12 -3.57
C ARG A 130 -15.40 1.88 -3.64
N LEU A 131 -15.87 0.91 -4.41
CA LEU A 131 -15.19 -0.36 -4.58
C LEU A 131 -13.98 -0.23 -5.52
N PHE A 132 -12.82 -0.69 -5.06
CA PHE A 132 -11.60 -0.66 -5.88
C PHE A 132 -11.50 -2.02 -6.55
N PHE A 133 -11.51 -2.00 -7.88
CA PHE A 133 -11.46 -3.24 -8.65
C PHE A 133 -10.05 -3.74 -8.86
N ASN A 134 -9.65 -4.69 -8.03
CA ASN A 134 -8.32 -5.24 -8.10
C ASN A 134 -8.16 -6.09 -9.37
N VAL A 135 -9.28 -6.58 -9.89
CA VAL A 135 -9.31 -7.37 -11.11
C VAL A 135 -10.35 -6.73 -12.00
N ASP A 136 -10.09 -6.66 -13.30
CA ASP A 136 -11.09 -6.04 -14.19
C ASP A 136 -12.45 -6.71 -13.95
N ILE A 137 -13.52 -5.94 -14.11
CA ILE A 137 -14.84 -6.48 -13.88
C ILE A 137 -15.83 -6.28 -15.02
N ASP A 138 -16.94 -7.01 -14.94
CA ASP A 138 -18.01 -6.90 -15.91
C ASP A 138 -18.93 -5.82 -15.39
N PRO A 139 -18.80 -4.59 -15.90
CA PRO A 139 -19.60 -3.44 -15.49
C PRO A 139 -21.13 -3.57 -15.52
N GLN A 140 -21.64 -4.71 -16.00
CA GLN A 140 -23.09 -4.88 -16.04
C GLN A 140 -23.53 -5.90 -15.02
N THR A 141 -22.79 -5.99 -13.94
CA THR A 141 -23.13 -6.95 -12.90
C THR A 141 -22.98 -6.35 -11.51
N GLY A 142 -23.60 -6.99 -10.53
CA GLY A 142 -23.54 -6.52 -9.17
C GLY A 142 -24.27 -5.20 -8.98
N ASN A 143 -24.65 -4.89 -7.73
CA ASN A 143 -25.34 -3.65 -7.42
C ASN A 143 -24.52 -2.84 -6.40
N GLN A 144 -23.89 -1.78 -6.89
CA GLN A 144 -23.06 -0.93 -6.04
C GLN A 144 -23.80 0.30 -5.55
N ASP A 145 -25.02 0.50 -6.03
CA ASP A 145 -25.82 1.64 -5.64
C ASP A 145 -26.43 1.45 -4.26
N ALA A 146 -26.43 0.21 -3.79
CA ALA A 146 -26.95 -0.09 -2.47
C ALA A 146 -26.02 0.55 -1.45
N PRO A 147 -26.50 0.77 -0.23
CA PRO A 147 -25.61 1.37 0.77
C PRO A 147 -24.41 0.44 0.99
N VAL A 148 -23.22 1.03 1.09
CA VAL A 148 -22.00 0.27 1.31
C VAL A 148 -22.06 -0.62 2.54
N PRO A 149 -21.61 -1.87 2.40
CA PRO A 149 -21.62 -2.79 3.55
C PRO A 149 -20.75 -2.18 4.64
N PRO A 150 -21.03 -2.52 5.90
CA PRO A 150 -20.21 -1.96 6.98
C PRO A 150 -18.93 -2.75 7.26
N VAL A 151 -17.99 -2.11 7.91
CA VAL A 151 -16.74 -2.78 8.27
C VAL A 151 -17.08 -3.89 9.24
N PHE A 152 -16.39 -5.00 9.13
CA PHE A 152 -16.66 -6.12 10.01
C PHE A 152 -15.35 -6.77 10.39
N TYR A 153 -15.19 -7.08 11.67
CA TYR A 153 -13.96 -7.73 12.14
C TYR A 153 -14.29 -8.93 13.02
N LYS A 154 -13.47 -9.96 12.94
CA LYS A 154 -13.66 -11.17 13.74
C LYS A 154 -12.36 -11.45 14.48
N SER A 155 -12.45 -11.57 15.78
CA SER A 155 -11.28 -11.83 16.61
C SER A 155 -10.97 -13.30 16.82
N PHE A 156 -9.69 -13.60 16.99
CA PHE A 156 -9.22 -14.96 17.23
C PHE A 156 -9.73 -15.39 18.61
N LYS A 157 -10.34 -14.43 19.31
CA LYS A 157 -10.90 -14.66 20.65
C LYS A 157 -12.35 -15.09 20.56
N ASP A 158 -12.61 -16.30 21.03
CA ASP A 158 -13.93 -16.91 21.10
C ASP A 158 -15.12 -16.09 20.57
N GLY A 159 -15.38 -16.22 19.28
CA GLY A 159 -16.51 -15.54 18.66
C GLY A 159 -16.85 -14.09 18.96
N LYS A 160 -15.86 -13.21 19.08
CA LYS A 160 -16.13 -11.79 19.30
C LYS A 160 -15.97 -11.13 17.93
N THR A 161 -16.60 -9.98 17.73
CA THR A 161 -16.49 -9.31 16.45
C THR A 161 -16.45 -7.79 16.57
N TRP A 162 -17.01 -7.10 15.59
CA TRP A 162 -17.04 -5.64 15.59
C TRP A 162 -17.57 -5.17 14.24
N THR A 163 -18.49 -4.22 14.23
CA THR A 163 -19.00 -3.75 12.95
C THR A 163 -19.28 -2.27 12.98
N ASN A 164 -19.34 -1.70 11.78
CA ASN A 164 -19.61 -0.28 11.59
C ASN A 164 -21.09 -0.04 11.70
N GLY A 165 -21.88 -1.08 11.43
CA GLY A 165 -23.32 -0.95 11.47
C GLY A 165 -24.13 -2.04 10.80
N ALA A 166 -25.34 -1.67 10.39
CA ALA A 166 -26.27 -2.59 9.76
C ALA A 166 -25.90 -3.05 8.36
N PRO A 167 -25.92 -4.38 8.13
CA PRO A 167 -25.61 -4.98 6.84
C PRO A 167 -26.36 -4.33 5.69
N SER A 168 -26.04 -4.72 4.47
CA SER A 168 -26.68 -4.21 3.25
C SER A 168 -26.66 -5.32 2.22
N PRO A 169 -27.45 -6.39 2.46
CA PRO A 169 -27.52 -7.54 1.53
C PRO A 169 -27.92 -7.14 0.13
N GLU A 170 -28.25 -5.87 -0.06
CA GLU A 170 -28.61 -5.36 -1.37
C GLU A 170 -27.34 -5.14 -2.19
N PHE A 171 -26.27 -4.78 -1.49
CA PHE A 171 -24.97 -4.50 -2.10
C PHE A 171 -24.27 -5.80 -2.53
N LYS A 172 -23.80 -5.83 -3.76
CA LYS A 172 -23.08 -6.98 -4.29
C LYS A 172 -22.06 -6.52 -5.31
N GLU A 173 -20.81 -6.95 -5.14
CA GLU A 173 -19.73 -6.57 -6.03
C GLU A 173 -19.84 -7.14 -7.44
N PRO A 174 -19.51 -6.32 -8.44
CA PRO A 174 -19.58 -6.77 -9.84
C PRO A 174 -18.77 -8.05 -10.04
N ASP A 175 -19.16 -8.86 -11.03
CA ASP A 175 -18.44 -10.09 -11.31
C ASP A 175 -17.19 -9.75 -12.09
N LYS A 176 -16.10 -10.44 -11.79
CA LYS A 176 -14.88 -10.11 -12.51
C LYS A 176 -14.56 -10.95 -13.73
N ARG A 177 -14.37 -10.27 -14.86
CA ARG A 177 -13.97 -10.93 -16.11
C ARG A 177 -12.47 -10.70 -16.04
N ASN A 178 -11.69 -11.48 -16.76
CA ASN A 178 -10.27 -11.22 -16.73
C ASN A 178 -9.88 -10.88 -18.15
N HIS A 179 -10.50 -9.83 -18.66
CA HIS A 179 -10.26 -9.39 -20.01
C HIS A 179 -9.02 -8.51 -20.09
N THR A 180 -8.23 -8.51 -19.02
CA THR A 180 -7.02 -7.72 -19.00
C THR A 180 -5.90 -8.59 -19.56
N TRP A 181 -4.76 -7.97 -19.85
CA TRP A 181 -3.63 -8.65 -20.43
C TRP A 181 -2.48 -9.10 -19.53
N ILE A 182 -1.72 -10.05 -20.07
CA ILE A 182 -0.48 -10.55 -19.47
C ILE A 182 0.38 -10.65 -20.73
N ARG A 183 1.34 -9.74 -20.86
CA ARG A 183 2.20 -9.78 -22.01
C ARG A 183 3.61 -10.00 -21.51
N THR A 184 4.13 -11.20 -21.75
CA THR A 184 5.49 -11.53 -21.33
C THR A 184 6.17 -12.32 -22.45
N ASN A 185 7.48 -12.10 -22.62
CA ASN A 185 8.24 -12.79 -23.66
C ASN A 185 7.57 -12.64 -25.03
N ARG A 186 7.26 -11.41 -25.38
CA ARG A 186 6.60 -11.13 -26.65
C ARG A 186 5.24 -11.78 -26.80
N GLU A 187 4.86 -12.69 -25.91
CA GLU A 187 3.52 -13.25 -26.05
C GLU A 187 2.50 -12.44 -25.22
N GLN A 188 1.24 -12.43 -25.64
CA GLN A 188 0.22 -11.67 -24.95
C GLN A 188 -1.11 -12.41 -24.95
N VAL A 189 -1.67 -12.63 -23.77
CA VAL A 189 -2.95 -13.34 -23.67
C VAL A 189 -3.80 -12.66 -22.61
N ARG A 190 -5.08 -13.01 -22.53
CA ARG A 190 -5.93 -12.41 -21.52
C ARG A 190 -5.78 -13.22 -20.24
N ARG A 191 -6.14 -12.62 -19.10
CA ARG A 191 -6.03 -13.30 -17.80
C ARG A 191 -6.97 -14.48 -17.69
N ALA A 192 -8.10 -14.39 -18.38
CA ALA A 192 -9.08 -15.48 -18.37
C ALA A 192 -8.43 -16.71 -19.00
N GLN A 193 -7.78 -16.49 -20.13
CA GLN A 193 -7.11 -17.55 -20.84
C GLN A 193 -5.99 -18.13 -19.99
N TYR A 194 -5.04 -17.29 -19.58
CA TYR A 194 -3.93 -17.78 -18.78
C TYR A 194 -4.42 -18.66 -17.64
N ALA A 195 -5.60 -18.31 -17.12
CA ALA A 195 -6.21 -19.04 -16.04
C ALA A 195 -6.53 -20.48 -16.43
N THR A 196 -7.30 -20.65 -17.50
CA THR A 196 -7.64 -22.00 -17.93
C THR A 196 -6.41 -22.76 -18.44
N ASP A 197 -5.50 -22.04 -19.11
CA ASP A 197 -4.30 -22.69 -19.65
C ASP A 197 -3.01 -21.87 -19.55
N PRO A 198 -2.30 -22.01 -18.43
CA PRO A 198 -1.05 -21.31 -18.18
C PRO A 198 0.13 -21.77 -19.05
N SER A 199 -0.04 -22.91 -19.71
CA SER A 199 0.98 -23.52 -20.58
C SER A 199 1.67 -22.50 -21.47
N SER A 200 0.85 -21.87 -22.31
CA SER A 200 1.30 -20.87 -23.25
C SER A 200 2.38 -19.94 -22.71
N ILE A 201 1.98 -18.95 -21.91
CA ILE A 201 2.95 -17.99 -21.38
C ILE A 201 3.96 -18.57 -20.39
N ASN A 202 3.68 -19.71 -19.77
CA ASN A 202 4.66 -20.29 -18.85
C ASN A 202 5.82 -20.85 -19.66
N GLU A 203 5.51 -21.43 -20.81
CA GLU A 203 6.54 -21.97 -21.67
C GLU A 203 7.39 -20.81 -22.14
N GLY A 204 6.77 -19.64 -22.25
CA GLY A 204 7.50 -18.46 -22.66
C GLY A 204 8.66 -18.20 -21.72
N PHE A 205 8.46 -18.55 -20.45
CA PHE A 205 9.49 -18.39 -19.44
C PHE A 205 10.32 -19.66 -19.40
N HIS A 206 10.03 -20.58 -20.31
CA HIS A 206 10.74 -21.87 -20.40
C HIS A 206 10.41 -22.87 -19.31
N LEU A 207 9.18 -22.83 -18.79
CA LEU A 207 8.80 -23.79 -17.76
C LEU A 207 8.62 -25.13 -18.46
N THR A 208 9.28 -26.16 -17.96
CA THR A 208 9.18 -27.47 -18.57
C THR A 208 8.43 -28.48 -17.71
N GLY A 209 7.64 -29.32 -18.36
CA GLY A 209 6.91 -30.36 -17.66
C GLY A 209 5.78 -29.95 -16.74
N CYS A 210 5.72 -30.59 -15.59
CA CYS A 210 4.69 -30.35 -14.59
C CYS A 210 4.37 -28.89 -14.28
N GLU A 211 5.41 -28.11 -13.99
CA GLU A 211 5.25 -26.69 -13.65
C GLU A 211 4.42 -25.92 -14.67
N THR A 212 4.57 -26.30 -15.94
CA THR A 212 3.88 -25.66 -17.06
C THR A 212 2.36 -25.68 -16.97
N ARG A 213 1.81 -26.72 -16.37
CA ARG A 213 0.36 -26.87 -16.28
C ARG A 213 -0.27 -26.26 -15.04
N LEU A 214 0.32 -25.18 -14.54
CA LEU A 214 -0.19 -24.49 -13.37
C LEU A 214 0.05 -23.00 -13.51
N THR A 215 -0.86 -22.20 -12.98
CA THR A 215 -0.68 -20.75 -13.03
C THR A 215 0.34 -20.43 -11.96
N VAL A 216 1.02 -19.29 -12.12
CA VAL A 216 2.02 -18.90 -11.15
C VAL A 216 1.44 -18.78 -9.74
N SER A 217 0.20 -18.27 -9.65
CA SER A 217 -0.46 -18.11 -8.37
C SER A 217 -0.47 -19.43 -7.61
N ASP A 218 -1.26 -20.35 -8.12
CA ASP A 218 -1.36 -21.66 -7.50
C ASP A 218 0.02 -22.22 -7.21
N MET A 219 0.95 -22.01 -8.13
CA MET A 219 2.30 -22.49 -7.89
C MET A 219 2.77 -21.93 -6.55
N VAL A 220 2.43 -20.68 -6.28
CA VAL A 220 2.85 -20.03 -5.05
C VAL A 220 2.08 -20.51 -3.83
N ASN A 221 0.76 -20.65 -4.01
CA ASN A 221 -0.10 -21.12 -2.94
C ASN A 221 0.37 -22.52 -2.56
N GLN A 222 0.55 -23.35 -3.57
CA GLN A 222 0.99 -24.73 -3.36
C GLN A 222 2.23 -24.68 -2.47
N ALA A 223 3.10 -23.73 -2.77
CA ALA A 223 4.35 -23.60 -2.04
C ALA A 223 4.22 -23.09 -0.61
N LEU A 224 3.12 -22.42 -0.31
CA LEU A 224 2.92 -21.88 1.02
C LEU A 224 2.21 -22.79 2.02
N GLU A 225 1.37 -23.70 1.52
CA GLU A 225 0.63 -24.62 2.38
C GLU A 225 1.43 -25.16 3.57
N PRO A 226 2.56 -25.83 3.30
CA PRO A 226 3.34 -26.36 4.41
C PRO A 226 3.58 -25.36 5.56
N VAL A 227 3.69 -24.08 5.21
CA VAL A 227 3.92 -23.04 6.21
C VAL A 227 2.58 -22.68 6.88
N ARG A 228 1.53 -22.50 6.08
CA ARG A 228 0.22 -22.20 6.61
C ARG A 228 -0.10 -23.28 7.64
N ASP A 229 0.52 -24.44 7.45
CA ASP A 229 0.31 -25.57 8.34
C ASP A 229 0.87 -25.34 9.74
N TYR A 230 1.87 -24.48 9.87
CA TYR A 230 2.45 -24.20 11.17
C TYR A 230 1.38 -23.68 12.14
N TYR A 231 0.59 -22.75 11.63
CA TYR A 231 -0.41 -22.11 12.44
C TYR A 231 -1.84 -22.53 12.22
N SER A 232 -2.20 -22.89 11.00
CA SER A 232 -3.58 -23.29 10.72
C SER A 232 -3.69 -24.75 10.29
N VAL A 233 -4.90 -25.16 9.91
CA VAL A 233 -5.11 -26.52 9.46
C VAL A 233 -5.98 -26.57 8.21
N LYS A 234 -5.55 -27.36 7.24
CA LYS A 234 -6.26 -27.54 5.98
C LYS A 234 -7.69 -27.99 6.32
N GLN A 235 -8.66 -27.64 5.48
CA GLN A 235 -10.05 -28.03 5.71
C GLN A 235 -10.60 -28.83 4.52
N ASP A 236 -11.22 -29.97 4.82
CA ASP A 236 -11.77 -30.83 3.76
C ASP A 236 -12.48 -30.04 2.66
N ASP A 237 -13.29 -29.06 3.06
CA ASP A 237 -14.00 -28.24 2.09
C ASP A 237 -13.05 -27.38 1.27
N GLY A 238 -11.77 -27.40 1.63
CA GLY A 238 -10.80 -26.60 0.92
C GLY A 238 -10.63 -25.22 1.50
N THR A 239 -10.65 -25.12 2.83
CA THR A 239 -10.49 -23.82 3.50
C THR A 239 -9.51 -24.03 4.65
N ARG A 240 -9.37 -23.03 5.52
CA ARG A 240 -8.47 -23.16 6.64
C ARG A 240 -8.93 -22.46 7.90
N VAL A 241 -8.67 -23.08 9.04
CA VAL A 241 -9.03 -22.48 10.33
C VAL A 241 -7.82 -22.58 11.25
N ASN A 242 -7.42 -21.45 11.81
CA ASN A 242 -6.27 -21.43 12.68
C ASN A 242 -6.43 -22.44 13.80
N LYS A 243 -5.32 -23.02 14.22
CA LYS A 243 -5.36 -24.00 15.29
C LYS A 243 -5.76 -23.29 16.58
N PRO A 244 -6.00 -24.06 17.66
CA PRO A 244 -6.39 -23.47 18.94
C PRO A 244 -5.29 -22.56 19.48
N PHE A 245 -5.65 -21.29 19.66
CA PHE A 245 -4.76 -20.27 20.16
C PHE A 245 -3.35 -20.72 20.57
N LYS A 246 -3.23 -21.53 21.62
CA LYS A 246 -1.91 -21.94 22.07
C LYS A 246 -0.97 -22.35 20.94
N GLU A 247 -1.49 -23.13 19.99
CA GLU A 247 -0.70 -23.61 18.84
C GLU A 247 -0.64 -22.56 17.73
N TRP A 248 -1.76 -21.87 17.53
CA TRP A 248 -1.85 -20.82 16.52
C TRP A 248 -0.85 -19.73 16.85
N LEU A 249 -0.37 -19.71 18.09
CA LEU A 249 0.60 -18.71 18.49
C LEU A 249 1.97 -19.34 18.29
N ALA A 250 2.18 -20.49 18.90
CA ALA A 250 3.45 -21.20 18.80
C ALA A 250 3.79 -21.55 17.35
N GLY A 251 2.77 -21.70 16.51
CA GLY A 251 2.99 -22.03 15.12
C GLY A 251 3.66 -20.86 14.43
N TRP A 252 3.00 -19.71 14.47
CA TRP A 252 3.53 -18.49 13.88
C TRP A 252 4.91 -18.17 14.45
N ALA A 253 5.11 -18.41 15.73
CA ALA A 253 6.40 -18.16 16.36
C ALA A 253 7.42 -19.06 15.71
N ASP A 254 6.95 -20.22 15.27
CA ASP A 254 7.79 -21.20 14.60
C ASP A 254 8.08 -20.72 13.19
N VAL A 255 7.07 -20.13 12.55
CA VAL A 255 7.26 -19.62 11.20
C VAL A 255 8.33 -18.54 11.25
N VAL A 256 8.35 -17.77 12.33
CA VAL A 256 9.35 -16.71 12.51
C VAL A 256 10.73 -17.30 12.72
N ARG A 257 10.79 -18.45 13.39
CA ARG A 257 12.08 -19.09 13.64
C ARG A 257 12.62 -19.77 12.38
N ASP A 258 11.72 -20.31 11.57
CA ASP A 258 12.13 -21.04 10.37
C ASP A 258 12.26 -20.31 9.04
N PHE A 259 11.41 -19.32 8.78
CA PHE A 259 11.51 -18.65 7.49
C PHE A 259 11.91 -17.18 7.52
N ASP A 260 12.35 -16.63 8.65
CA ASP A 260 12.71 -15.23 8.60
C ASP A 260 14.06 -15.00 7.97
N GLY A 261 14.88 -16.05 7.97
CA GLY A 261 16.20 -15.98 7.38
C GLY A 261 16.17 -16.28 5.90
N TYR A 262 14.97 -16.42 5.34
CA TYR A 262 14.77 -16.70 3.91
C TYR A 262 14.33 -15.46 3.13
N SER A 263 14.93 -15.25 1.97
CA SER A 263 14.53 -14.15 1.12
C SER A 263 13.35 -14.84 0.46
N MET A 264 12.44 -14.12 -0.15
CA MET A 264 11.32 -14.81 -0.77
C MET A 264 11.82 -15.75 -1.87
N GLY A 265 12.89 -15.35 -2.55
CA GLY A 265 13.41 -16.17 -3.63
C GLY A 265 14.10 -17.43 -3.15
N ARG A 266 15.01 -17.29 -2.20
CA ARG A 266 15.73 -18.42 -1.65
C ARG A 266 14.77 -19.46 -1.08
N PHE A 267 13.53 -19.05 -0.85
CA PHE A 267 12.49 -19.91 -0.30
C PHE A 267 11.80 -20.68 -1.42
N LEU A 268 11.37 -19.95 -2.44
CA LEU A 268 10.71 -20.56 -3.60
C LEU A 268 11.69 -21.56 -4.21
N ARG A 269 12.94 -21.13 -4.26
CA ARG A 269 14.02 -21.92 -4.83
C ARG A 269 14.37 -23.13 -3.97
N GLU A 270 15.14 -22.91 -2.91
CA GLU A 270 15.60 -23.96 -1.99
C GLU A 270 14.53 -24.71 -1.20
N TYR A 271 13.57 -24.00 -0.64
CA TYR A 271 12.56 -24.68 0.14
C TYR A 271 11.46 -25.29 -0.70
N ALA A 272 10.82 -24.49 -1.54
CA ALA A 272 9.72 -24.98 -2.38
C ALA A 272 10.27 -25.70 -3.61
N GLU A 273 11.59 -25.75 -3.71
CA GLU A 273 12.30 -26.40 -4.80
C GLU A 273 11.76 -26.08 -6.19
N PHE A 274 11.54 -24.79 -6.42
CA PHE A 274 11.07 -24.28 -7.70
C PHE A 274 12.32 -24.04 -8.56
N SER A 275 12.13 -24.09 -9.86
CA SER A 275 13.22 -23.90 -10.81
C SER A 275 13.37 -22.42 -11.10
N ASP A 276 14.55 -22.03 -11.53
CA ASP A 276 14.81 -20.66 -11.85
C ASP A 276 13.77 -20.10 -12.82
N GLU A 277 13.34 -20.92 -13.77
CA GLU A 277 12.33 -20.47 -14.72
C GLU A 277 11.00 -20.24 -14.03
N ALA A 278 10.68 -21.10 -13.08
CA ALA A 278 9.43 -20.98 -12.32
C ALA A 278 9.43 -19.67 -11.51
N VAL A 279 10.55 -19.40 -10.84
CA VAL A 279 10.72 -18.18 -10.07
C VAL A 279 10.66 -16.96 -11.00
N GLU A 280 11.20 -17.12 -12.21
CA GLU A 280 11.19 -16.04 -13.18
C GLU A 280 9.75 -15.72 -13.57
N ALA A 281 8.98 -16.74 -13.95
CA ALA A 281 7.59 -16.51 -14.34
C ALA A 281 6.80 -15.92 -13.16
N ILE A 282 6.99 -16.52 -11.99
CA ILE A 282 6.32 -16.09 -10.78
C ILE A 282 6.66 -14.62 -10.47
N GLY A 283 7.94 -14.32 -10.36
CA GLY A 283 8.35 -12.96 -10.07
C GLY A 283 7.86 -11.94 -11.07
N THR A 284 7.61 -12.38 -12.30
CA THR A 284 7.16 -11.50 -13.35
C THR A 284 5.65 -11.27 -13.36
N ILE A 285 4.87 -12.36 -13.36
CA ILE A 285 3.41 -12.27 -13.39
C ILE A 285 2.78 -11.65 -12.14
N GLU A 286 3.46 -11.79 -11.00
CA GLU A 286 2.95 -11.21 -9.77
C GLU A 286 4.05 -10.59 -8.91
N ASN A 287 4.62 -9.50 -9.42
CA ASN A 287 5.70 -8.75 -8.79
C ASN A 287 6.34 -9.37 -7.55
N MET A 288 7.34 -10.20 -7.80
CA MET A 288 8.07 -10.86 -6.74
C MET A 288 9.47 -11.08 -7.29
N THR A 289 9.75 -10.40 -8.40
CA THR A 289 11.04 -10.43 -9.09
C THR A 289 11.95 -9.40 -8.44
N SER A 290 11.44 -8.18 -8.32
CA SER A 290 12.18 -7.09 -7.69
C SER A 290 12.34 -7.33 -6.18
N ARG A 291 11.31 -7.90 -5.55
CA ARG A 291 11.31 -8.20 -4.12
C ARG A 291 12.11 -9.48 -3.81
N LEU A 292 12.07 -10.43 -4.73
CA LEU A 292 12.76 -11.71 -4.64
C LEU A 292 13.85 -11.82 -3.58
N HIS A 293 14.72 -10.80 -3.47
CA HIS A 293 15.78 -10.87 -2.47
C HIS A 293 15.44 -10.24 -1.12
N LEU A 294 14.21 -9.75 -0.98
CA LEU A 294 13.77 -9.18 0.28
C LEU A 294 13.15 -10.29 1.11
N ALA A 295 13.09 -10.07 2.43
CA ALA A 295 12.54 -11.03 3.39
C ALA A 295 11.31 -11.81 2.93
N PHE A 296 11.32 -13.12 3.20
CA PHE A 296 10.21 -13.98 2.83
C PHE A 296 8.92 -13.47 3.46
N PHE A 297 9.04 -13.03 4.72
CA PHE A 297 7.91 -12.53 5.46
C PHE A 297 7.14 -11.38 4.81
N HIS A 298 7.85 -10.40 4.27
CA HIS A 298 7.16 -9.29 3.66
C HIS A 298 6.25 -9.75 2.54
N SER A 299 6.67 -10.80 1.86
CA SER A 299 5.89 -11.32 0.74
C SER A 299 4.82 -12.26 1.24
N PHE A 300 5.14 -13.06 2.27
CA PHE A 300 4.19 -14.04 2.82
C PHE A 300 3.01 -13.44 3.57
N LEU A 301 3.26 -12.43 4.40
CA LEU A 301 2.17 -11.82 5.15
C LEU A 301 1.22 -11.21 4.16
N GLY A 302 1.76 -10.39 3.26
CA GLY A 302 0.93 -9.77 2.25
C GLY A 302 -0.01 -10.81 1.64
N ARG A 303 0.46 -12.06 1.54
CA ARG A 303 -0.32 -13.15 0.96
C ARG A 303 -1.81 -12.79 0.92
N SER A 304 -2.27 -12.41 -0.28
CA SER A 304 -3.65 -12.00 -0.51
C SER A 304 -4.73 -13.09 -0.33
N ASP A 305 -4.36 -14.19 0.32
CA ASP A 305 -5.29 -15.30 0.53
C ASP A 305 -6.35 -15.01 1.60
N ILE A 306 -6.20 -15.59 2.79
CA ILE A 306 -7.14 -15.40 3.91
C ILE A 306 -8.60 -15.20 3.45
N ASP A 307 -8.96 -13.96 3.15
CA ASP A 307 -10.30 -13.60 2.68
C ASP A 307 -10.33 -13.65 1.14
N PRO A 308 -10.57 -14.83 0.55
CA PRO A 308 -10.61 -14.88 -0.92
C PRO A 308 -11.78 -14.08 -1.48
N ARG A 309 -12.78 -13.83 -0.64
CA ARG A 309 -13.97 -13.06 -1.03
C ARG A 309 -13.93 -11.65 -0.44
N ALA A 310 -12.76 -11.26 0.07
CA ALA A 310 -12.60 -9.91 0.64
C ALA A 310 -12.88 -8.88 -0.45
N THR A 311 -12.67 -7.62 -0.15
CA THR A 311 -12.92 -6.60 -1.13
C THR A 311 -12.00 -5.42 -0.90
N TYR A 312 -11.75 -4.65 -1.95
CA TYR A 312 -10.90 -3.48 -1.83
C TYR A 312 -11.73 -2.23 -1.98
N TRP A 313 -11.24 -1.11 -1.46
CA TRP A 313 -11.98 0.13 -1.53
C TRP A 313 -11.13 1.35 -1.83
N GLU A 314 -11.80 2.40 -2.28
CA GLU A 314 -11.15 3.64 -2.59
C GLU A 314 -12.06 4.83 -2.22
N ILE A 315 -11.43 5.84 -1.62
CA ILE A 315 -12.09 7.04 -1.16
C ILE A 315 -12.50 7.97 -2.30
N GLU A 316 -13.78 8.34 -2.35
CA GLU A 316 -14.23 9.25 -3.41
C GLU A 316 -13.54 10.59 -3.27
N GLY A 317 -13.05 11.11 -4.39
CA GLY A 317 -12.40 12.41 -4.36
C GLY A 317 -10.89 12.28 -4.27
N GLY A 318 -10.41 11.09 -3.89
CA GLY A 318 -8.98 10.88 -3.76
C GLY A 318 -8.57 10.30 -2.43
N SER A 319 -7.34 9.81 -2.34
CA SER A 319 -6.86 9.25 -1.09
C SER A 319 -6.65 10.39 -0.11
N ARG A 320 -6.30 11.57 -0.64
CA ARG A 320 -6.07 12.76 0.18
C ARG A 320 -7.22 13.01 1.17
N MET A 321 -8.45 12.78 0.72
CA MET A 321 -9.62 13.00 1.55
C MET A 321 -9.44 12.50 2.98
N LEU A 322 -8.89 11.29 3.14
CA LEU A 322 -8.69 10.79 4.48
C LEU A 322 -7.79 11.69 5.34
N PRO A 323 -6.51 11.89 4.94
CA PRO A 323 -5.69 12.76 5.79
C PRO A 323 -6.14 14.22 5.91
N GLU A 324 -6.68 14.77 4.84
CA GLU A 324 -7.09 16.17 4.85
C GLU A 324 -8.30 16.47 5.72
N THR A 325 -9.11 15.44 5.96
CA THR A 325 -10.28 15.56 6.80
C THR A 325 -9.83 15.55 8.25
N LEU A 326 -8.95 14.62 8.59
CA LEU A 326 -8.43 14.58 9.95
C LEU A 326 -7.76 15.93 10.27
N ALA A 327 -7.18 16.54 9.23
CA ALA A 327 -6.48 17.80 9.38
C ALA A 327 -7.38 19.00 9.67
N LYS A 328 -8.62 18.97 9.19
CA LYS A 328 -9.52 20.08 9.44
C LYS A 328 -9.65 20.30 10.94
N ASP A 329 -9.63 19.20 11.69
CA ASP A 329 -9.74 19.26 13.15
C ASP A 329 -8.51 19.87 13.77
N LEU A 330 -7.38 19.20 13.60
CA LEU A 330 -6.12 19.66 14.15
C LEU A 330 -5.61 20.95 13.53
N ARG A 331 -6.52 21.83 13.15
CA ARG A 331 -6.15 23.13 12.55
C ARG A 331 -5.12 23.95 13.35
N ASP A 332 -5.15 23.82 14.67
CA ASP A 332 -4.26 24.59 15.55
C ASP A 332 -3.01 23.86 16.01
N GLN A 333 -3.03 22.54 15.90
CA GLN A 333 -1.92 21.71 16.34
C GLN A 333 -0.83 21.60 15.27
N ILE A 334 -1.26 21.39 14.03
CA ILE A 334 -0.35 21.23 12.90
C ILE A 334 0.43 22.49 12.49
N VAL A 335 1.74 22.32 12.36
CA VAL A 335 2.64 23.39 11.96
C VAL A 335 3.38 22.93 10.71
N MET A 336 3.12 23.57 9.57
CA MET A 336 3.78 23.18 8.32
C MET A 336 5.19 23.74 8.15
N GLY A 337 5.83 23.36 7.05
CA GLY A 337 7.17 23.82 6.75
C GLY A 337 8.19 23.76 7.86
N GLN A 338 8.12 22.74 8.70
CA GLN A 338 9.10 22.66 9.77
C GLN A 338 9.73 21.27 9.82
N ARG A 339 11.02 21.21 9.53
CA ARG A 339 11.74 19.94 9.51
C ARG A 339 12.54 19.66 10.78
N MET A 340 12.23 18.56 11.45
CA MET A 340 12.99 18.22 12.64
C MET A 340 14.41 17.92 12.16
N VAL A 341 15.40 18.47 12.84
CA VAL A 341 16.79 18.24 12.46
C VAL A 341 17.57 17.81 13.69
N ARG A 342 17.05 18.21 14.85
CA ARG A 342 17.67 17.89 16.14
C ARG A 342 16.59 17.39 17.09
N LEU A 343 16.97 16.45 17.93
CA LEU A 343 16.06 15.86 18.91
C LEU A 343 16.81 15.57 20.20
N GLU A 344 16.44 16.32 21.23
CA GLU A 344 17.05 16.20 22.55
C GLU A 344 15.92 15.81 23.51
N TYR A 345 16.17 14.76 24.29
CA TYR A 345 15.17 14.31 25.25
C TYR A 345 15.92 13.99 26.52
N TYR A 346 15.21 13.95 27.63
CA TYR A 346 15.84 13.62 28.90
C TYR A 346 15.37 12.24 29.33
N ASP A 347 16.31 11.44 29.80
CA ASP A 347 15.98 10.09 30.24
C ASP A 347 16.72 9.86 31.54
N PRO A 348 15.96 9.64 32.62
CA PRO A 348 16.55 9.40 33.94
C PRO A 348 17.54 8.24 33.90
N GLY A 349 17.07 7.07 33.46
CA GLY A 349 17.93 5.92 33.39
C GLY A 349 17.71 5.12 32.12
N PRO A 363 11.38 20.32 31.04
CA PRO A 363 10.70 19.65 29.91
C PRO A 363 11.44 18.39 29.45
N ALA A 364 10.67 17.32 29.24
CA ALA A 364 11.22 16.02 28.84
C ALA A 364 11.74 15.91 27.41
N VAL A 365 11.23 16.74 26.51
CA VAL A 365 11.65 16.67 25.12
C VAL A 365 11.81 18.02 24.44
N ALA A 366 12.89 18.15 23.68
CA ALA A 366 13.17 19.38 22.94
C ALA A 366 13.47 18.99 21.48
N ILE A 367 12.72 19.57 20.56
CA ILE A 367 12.88 19.28 19.14
C ILE A 367 13.16 20.56 18.36
N GLN A 368 14.29 20.60 17.68
CA GLN A 368 14.64 21.78 16.92
C GLN A 368 14.34 21.54 15.44
N THR A 369 13.69 22.50 14.80
CA THR A 369 13.37 22.34 13.40
C THR A 369 13.83 23.53 12.56
N VAL A 370 13.99 23.26 11.28
CA VAL A 370 14.42 24.26 10.32
C VAL A 370 13.23 24.54 9.42
N PRO A 371 13.18 25.74 8.86
CA PRO A 371 12.10 26.18 7.94
C PRO A 371 12.30 25.61 6.53
N GLU A 372 11.21 25.15 5.91
CA GLU A 372 11.26 24.59 4.56
C GLU A 372 10.54 25.47 3.55
N ALA B 1 12.83 32.52 10.56
CA ALA B 1 13.74 32.20 11.66
C ALA B 1 14.64 31.05 11.23
N ALA B 2 15.93 31.23 11.40
CA ALA B 2 16.88 30.19 11.03
C ALA B 2 16.42 28.88 11.68
N THR B 3 16.02 28.95 12.95
CA THR B 3 15.57 27.75 13.65
C THR B 3 14.34 27.99 14.51
N GLN B 4 13.93 26.96 15.24
CA GLN B 4 12.73 27.06 16.04
C GLN B 4 12.67 25.83 16.95
N THR B 5 12.71 26.01 18.27
CA THR B 5 12.66 24.85 19.17
C THR B 5 11.29 24.64 19.81
N TRP B 6 10.91 23.37 19.93
CA TRP B 6 9.65 22.96 20.53
C TRP B 6 10.01 22.15 21.76
N THR B 7 9.04 22.00 22.68
CA THR B 7 9.26 21.27 23.91
C THR B 7 7.94 20.72 24.42
N GLY B 8 8.02 19.64 25.18
CA GLY B 8 6.85 18.99 25.73
C GLY B 8 7.37 17.97 26.72
N ASP B 9 6.52 17.04 27.12
CA ASP B 9 6.94 16.01 28.07
C ASP B 9 7.07 14.68 27.33
N LEU B 10 6.21 14.51 26.33
CA LEU B 10 6.23 13.31 25.54
C LEU B 10 6.35 13.64 24.06
N ALA B 11 6.76 12.67 23.27
CA ALA B 11 6.91 12.87 21.84
C ALA B 11 6.63 11.61 21.05
N ILE B 12 5.90 11.77 19.95
CA ILE B 12 5.62 10.65 19.08
C ILE B 12 6.27 10.97 17.73
N VAL B 13 7.28 10.18 17.38
CA VAL B 13 8.04 10.30 16.14
C VAL B 13 7.39 9.43 15.07
N THR B 14 6.76 10.06 14.08
CA THR B 14 6.10 9.28 13.04
C THR B 14 6.75 9.34 11.66
N ILE B 15 7.94 9.93 11.56
CA ILE B 15 8.59 9.98 10.28
C ILE B 15 9.30 8.65 10.03
N PRO B 16 9.45 8.26 8.75
CA PRO B 16 10.12 7.00 8.38
C PRO B 16 11.57 7.02 8.83
N PHE B 17 12.10 5.85 9.17
CA PHE B 17 13.48 5.77 9.66
C PHE B 17 14.50 6.30 8.69
N SER B 18 14.19 6.21 7.40
CA SER B 18 15.09 6.72 6.37
C SER B 18 15.27 8.22 6.63
N SER B 19 14.19 8.92 6.97
CA SER B 19 14.31 10.33 7.29
C SER B 19 14.92 10.60 8.67
N LEU B 20 14.60 9.74 9.63
CA LEU B 20 15.12 9.94 10.98
C LEU B 20 16.64 9.77 10.96
N ARG B 21 17.13 9.00 10.00
CA ARG B 21 18.57 8.74 9.87
C ARG B 21 19.37 10.04 9.83
N PHE B 22 18.76 11.14 9.40
CA PHE B 22 19.52 12.38 9.31
C PHE B 22 19.33 13.34 10.47
N VAL B 23 18.50 12.94 11.44
CA VAL B 23 18.27 13.76 12.62
C VAL B 23 19.39 13.54 13.63
N LYS B 24 19.87 14.61 14.23
CA LYS B 24 20.90 14.49 15.27
C LYS B 24 20.10 14.20 16.55
N VAL B 25 20.53 13.18 17.29
CA VAL B 25 19.81 12.79 18.49
C VAL B 25 20.70 12.73 19.71
N THR B 26 20.09 12.99 20.86
CA THR B 26 20.80 12.95 22.13
C THR B 26 19.83 12.96 23.30
N PRO B 27 20.04 12.04 24.24
CA PRO B 27 21.14 11.09 24.11
C PRO B 27 20.85 9.98 23.05
N PRO B 28 21.82 9.09 22.80
CA PRO B 28 21.60 8.02 21.81
C PRO B 28 20.47 7.09 22.22
N PHE B 29 19.61 6.73 21.27
CA PHE B 29 18.53 5.77 21.50
C PHE B 29 19.23 4.47 21.90
N SER B 30 18.47 3.43 22.20
CA SER B 30 19.09 2.18 22.57
C SER B 30 19.79 1.60 21.34
N TYR B 31 20.95 0.99 21.59
CA TYR B 31 21.76 0.39 20.54
C TYR B 31 20.94 -0.28 19.44
N LYS B 32 20.05 -1.19 19.80
CA LYS B 32 19.25 -1.84 18.78
C LYS B 32 18.37 -0.88 18.03
N LYS B 33 17.76 0.08 18.72
CA LYS B 33 16.91 1.03 18.04
C LYS B 33 17.73 1.76 16.96
N ARG B 34 18.97 2.12 17.28
CA ARG B 34 19.84 2.79 16.32
C ARG B 34 20.05 1.89 15.10
N ARG B 35 20.58 0.69 15.33
CA ARG B 35 20.81 -0.24 14.23
C ARG B 35 19.58 -0.35 13.33
N ALA B 36 18.41 -0.51 13.94
CA ALA B 36 17.19 -0.61 13.15
C ALA B 36 17.02 0.62 12.26
N VAL B 37 17.48 1.77 12.74
CA VAL B 37 17.35 3.00 11.97
C VAL B 37 18.41 3.11 10.89
N ILE B 38 19.55 2.53 11.15
CA ILE B 38 20.61 2.56 10.17
C ILE B 38 20.35 1.49 9.10
N GLU B 39 19.86 0.35 9.56
CA GLU B 39 19.64 -0.82 8.72
C GLU B 39 18.26 -1.07 8.08
N THR B 40 17.20 -0.43 8.58
CA THR B 40 15.93 -0.72 7.94
C THR B 40 15.97 -0.24 6.50
N HIS B 41 15.77 -1.20 5.61
CA HIS B 41 15.75 -0.94 4.20
C HIS B 41 14.43 -0.37 3.72
N TYR B 42 14.50 0.76 3.03
CA TYR B 42 13.29 1.35 2.48
C TYR B 42 13.30 1.04 0.98
N ASP B 43 12.27 0.36 0.51
CA ASP B 43 12.19 0.00 -0.88
C ASP B 43 11.81 1.21 -1.73
N GLN B 44 12.19 1.20 -3.00
CA GLN B 44 11.85 2.32 -3.86
C GLN B 44 10.69 1.91 -4.76
N ALA B 45 9.93 2.90 -5.22
CA ALA B 45 8.79 2.65 -6.08
C ALA B 45 8.51 3.93 -6.82
N THR B 46 8.07 3.79 -8.06
CA THR B 46 7.77 4.94 -8.89
C THR B 46 6.50 4.66 -9.67
N LYS B 47 5.67 5.69 -9.77
CA LYS B 47 4.41 5.58 -10.47
C LYS B 47 4.47 6.59 -11.61
N VAL B 48 3.95 6.23 -12.78
CA VAL B 48 3.94 7.16 -13.89
C VAL B 48 2.50 7.18 -14.35
N LEU B 49 1.92 8.37 -14.43
CA LEU B 49 0.53 8.50 -14.81
C LEU B 49 0.31 9.28 -16.08
N LEU B 50 -0.43 8.67 -17.01
CA LEU B 50 -0.74 9.30 -18.28
C LEU B 50 -2.23 9.59 -18.44
N GLU B 51 -2.54 10.75 -19.00
CA GLU B 51 -3.91 11.20 -19.19
C GLU B 51 -4.44 10.93 -20.59
N PHE B 52 -5.68 10.46 -20.68
CA PHE B 52 -6.28 10.18 -21.99
C PHE B 52 -7.64 10.84 -22.19
N SER B 53 -7.79 11.47 -23.35
CA SER B 53 -9.02 12.17 -23.74
C SER B 53 -10.23 11.30 -23.54
N ARG B 54 -10.06 10.01 -23.82
CA ARG B 54 -11.13 9.03 -23.71
C ARG B 54 -10.66 7.84 -22.90
N ARG B 55 -11.61 6.95 -22.59
CA ARG B 55 -11.33 5.75 -21.84
C ARG B 55 -11.19 4.58 -22.84
N TRP B 56 -10.23 4.70 -23.74
CA TRP B 56 -10.02 3.69 -24.75
C TRP B 56 -9.97 2.25 -24.25
N TRP B 57 -9.34 2.03 -23.09
CA TRP B 57 -9.24 0.68 -22.58
C TRP B 57 -10.60 0.03 -22.42
N GLU B 58 -11.65 0.85 -22.42
CA GLU B 58 -13.01 0.33 -22.30
C GLU B 58 -13.48 -0.12 -23.69
N PHE B 59 -13.00 0.58 -24.71
CA PHE B 59 -13.36 0.31 -26.08
C PHE B 59 -13.45 -1.13 -26.51
N THR B 60 -14.32 -1.34 -27.50
CA THR B 60 -14.53 -2.62 -28.13
C THR B 60 -13.88 -2.32 -29.46
N GLU B 61 -13.91 -3.24 -30.41
CA GLU B 61 -13.26 -2.94 -31.67
C GLU B 61 -14.09 -1.92 -32.43
N ALA B 62 -15.41 -2.07 -32.36
CA ALA B 62 -16.33 -1.14 -33.01
C ALA B 62 -16.10 0.25 -32.42
N ASP B 63 -16.12 0.33 -31.08
CA ASP B 63 -15.90 1.59 -30.39
C ASP B 63 -14.67 2.27 -30.96
N TRP B 64 -13.61 1.50 -31.14
CA TRP B 64 -12.37 2.03 -31.70
C TRP B 64 -12.55 2.69 -33.08
N LYS B 65 -12.97 1.91 -34.07
CA LYS B 65 -13.15 2.48 -35.41
C LYS B 65 -14.13 3.65 -35.35
N ARG B 66 -15.21 3.45 -34.59
CA ARG B 66 -16.25 4.47 -34.39
C ARG B 66 -15.63 5.73 -33.81
N GLU B 67 -15.22 5.63 -32.56
CA GLU B 67 -14.60 6.71 -31.82
C GLU B 67 -13.42 7.32 -32.59
N LEU B 68 -12.58 6.46 -33.17
CA LEU B 68 -11.38 6.89 -33.88
C LEU B 68 -11.61 7.66 -35.18
N ASP B 69 -12.57 7.19 -35.98
CA ASP B 69 -12.86 7.83 -37.25
C ASP B 69 -13.56 9.17 -37.03
N ALA B 70 -14.06 9.37 -35.81
CA ALA B 70 -14.76 10.59 -35.43
C ALA B 70 -13.78 11.77 -35.32
N ILE B 71 -12.58 11.48 -34.85
CA ILE B 71 -11.59 12.52 -34.68
C ILE B 71 -11.15 13.12 -36.02
N ALA B 72 -11.00 12.28 -37.04
CA ALA B 72 -10.59 12.73 -38.36
C ALA B 72 -10.91 11.68 -39.41
N PRO B 73 -11.09 12.10 -40.68
CA PRO B 73 -11.43 11.22 -41.81
C PRO B 73 -10.53 9.98 -41.98
N GLY B 74 -11.15 8.81 -41.95
CA GLY B 74 -10.42 7.56 -42.12
C GLY B 74 -9.19 7.39 -41.23
N LEU B 75 -9.28 7.84 -39.98
CA LEU B 75 -8.16 7.72 -39.06
C LEU B 75 -8.03 6.28 -38.58
N TYR B 76 -9.13 5.55 -38.53
CA TYR B 76 -9.10 4.17 -38.08
C TYR B 76 -8.15 3.34 -38.93
N ASP B 77 -8.43 3.31 -40.23
CA ASP B 77 -7.62 2.51 -41.14
C ASP B 77 -6.16 2.97 -41.18
N TYR B 78 -5.94 4.27 -41.01
CA TYR B 78 -4.58 4.81 -41.01
C TYR B 78 -3.67 4.03 -40.06
N TYR B 79 -4.19 3.68 -38.88
CA TYR B 79 -3.41 2.93 -37.89
C TYR B 79 -3.35 1.44 -38.19
N GLN B 80 -4.34 0.94 -38.92
CA GLN B 80 -4.35 -0.47 -39.29
C GLN B 80 -3.20 -0.71 -40.26
N GLN B 81 -2.98 0.25 -41.15
CA GLN B 81 -1.91 0.16 -42.14
C GLN B 81 -0.58 0.20 -41.39
N TRP B 82 -0.47 1.17 -40.49
CA TRP B 82 0.73 1.39 -39.68
C TRP B 82 1.14 0.13 -38.91
N GLY B 83 0.18 -0.48 -38.24
CA GLY B 83 0.48 -1.67 -37.47
C GLY B 83 1.22 -1.37 -36.17
N GLU B 84 1.88 -2.41 -35.63
CA GLU B 84 2.60 -2.30 -34.36
C GLU B 84 4.08 -2.62 -34.43
N ASP B 85 4.92 -1.70 -33.97
CA ASP B 85 6.36 -1.92 -33.96
C ASP B 85 6.67 -3.32 -33.35
N ASP B 86 7.78 -3.93 -33.79
CA ASP B 86 8.18 -5.25 -33.29
C ASP B 86 9.24 -5.16 -32.22
N ALA B 87 9.63 -3.94 -31.88
CA ALA B 87 10.65 -3.76 -30.86
C ALA B 87 10.01 -3.47 -29.51
N GLU B 88 10.40 -4.24 -28.50
CA GLU B 88 9.89 -4.05 -27.16
C GLU B 88 11.09 -3.82 -26.27
N ALA B 89 10.86 -3.28 -25.07
CA ALA B 89 11.95 -3.07 -24.13
C ALA B 89 11.99 -4.26 -23.16
N ALA B 90 11.20 -5.28 -23.48
CA ALA B 90 11.15 -6.52 -22.70
C ALA B 90 12.26 -7.46 -23.16
N VAL C 3 -1.63 -5.24 -35.21
CA VAL C 3 -2.43 -4.28 -34.45
C VAL C 3 -3.06 -4.90 -33.21
N ARG C 4 -2.64 -4.44 -32.04
CA ARG C 4 -3.14 -4.96 -30.77
C ARG C 4 -4.65 -4.89 -30.65
N PRO C 5 -5.28 -6.01 -30.27
CA PRO C 5 -6.74 -6.15 -30.10
C PRO C 5 -7.30 -5.11 -29.14
N ALA C 6 -8.58 -4.81 -29.27
CA ALA C 6 -9.21 -3.85 -28.35
C ALA C 6 -9.10 -4.49 -26.96
N THR C 7 -8.67 -3.72 -25.98
CA THR C 7 -8.54 -4.23 -24.62
C THR C 7 -9.92 -4.54 -24.02
N ASN C 8 -10.82 -3.57 -24.14
CA ASN C 8 -12.19 -3.71 -23.66
C ASN C 8 -12.25 -4.20 -22.22
N ALA C 9 -11.50 -3.55 -21.35
CA ALA C 9 -11.48 -3.95 -19.95
C ALA C 9 -11.89 -2.80 -19.05
N TYR C 10 -12.66 -3.16 -18.02
CA TYR C 10 -13.14 -2.21 -17.04
C TYR C 10 -12.46 -2.48 -15.70
N GLY C 11 -11.66 -1.53 -15.26
CA GLY C 11 -10.96 -1.68 -13.99
C GLY C 11 -9.79 -2.63 -14.09
N GLY C 12 -9.30 -3.12 -12.96
CA GLY C 12 -8.17 -4.03 -13.01
C GLY C 12 -6.92 -3.40 -13.60
N GLY C 13 -6.05 -4.25 -14.14
CA GLY C 13 -4.80 -3.79 -14.74
C GLY C 13 -4.11 -4.98 -15.39
N SER C 14 -3.02 -4.73 -16.12
CA SER C 14 -2.30 -5.81 -16.81
C SER C 14 -0.85 -5.93 -16.34
N THR C 15 -0.25 -7.09 -16.60
CA THR C 15 1.14 -7.32 -16.22
C THR C 15 2.02 -7.51 -17.47
N THR C 16 3.28 -7.06 -17.40
CA THR C 16 4.19 -7.18 -18.54
C THR C 16 5.64 -7.20 -18.08
N ASP C 17 6.53 -7.67 -18.94
CA ASP C 17 7.94 -7.69 -18.59
C ASP C 17 8.63 -6.46 -19.15
N ASN C 18 7.90 -5.62 -19.88
CA ASN C 18 8.54 -4.42 -20.35
C ASN C 18 8.70 -3.55 -19.08
N PRO C 19 9.63 -2.61 -19.09
CA PRO C 19 9.82 -1.77 -17.89
C PRO C 19 8.59 -1.19 -17.18
N ASN C 20 7.45 -1.04 -17.86
CA ASN C 20 6.25 -0.52 -17.18
C ASN C 20 5.77 -1.49 -16.11
N ARG C 21 6.00 -2.80 -16.33
CA ARG C 21 5.61 -3.86 -15.39
C ARG C 21 4.11 -3.97 -15.15
N PHE C 22 3.57 -3.12 -14.27
CA PHE C 22 2.15 -3.16 -13.97
C PHE C 22 1.42 -1.89 -14.35
N MET C 23 0.27 -2.06 -14.98
CA MET C 23 -0.54 -0.93 -15.41
C MET C 23 -1.93 -1.12 -14.83
N TYR C 24 -2.49 -0.07 -14.23
CA TYR C 24 -3.82 -0.19 -13.68
C TYR C 24 -4.76 0.79 -14.35
N TYR C 25 -6.02 0.36 -14.46
CA TYR C 25 -7.07 1.18 -15.07
C TYR C 25 -7.97 1.66 -13.95
N PRO C 26 -8.49 2.90 -14.08
CA PRO C 26 -9.39 3.55 -13.12
C PRO C 26 -10.58 2.66 -12.79
N SER C 27 -10.83 2.40 -11.50
CA SER C 27 -11.94 1.55 -11.10
C SER C 27 -13.29 2.19 -11.43
N HIS C 28 -13.35 3.51 -11.40
CA HIS C 28 -14.60 4.21 -11.72
C HIS C 28 -14.20 5.45 -12.51
N PRO C 29 -15.04 5.86 -13.45
CA PRO C 29 -14.67 7.07 -14.21
C PRO C 29 -15.09 8.32 -13.44
N VAL C 30 -14.25 9.36 -13.49
CA VAL C 30 -14.59 10.60 -12.82
C VAL C 30 -15.89 11.02 -13.46
N PRO C 31 -16.93 11.27 -12.65
CA PRO C 31 -18.22 11.67 -13.20
C PRO C 31 -18.16 12.99 -13.99
N GLY C 32 -18.90 13.03 -15.09
CA GLY C 32 -18.91 14.23 -15.91
C GLY C 32 -17.71 14.38 -16.83
N THR C 33 -16.84 13.38 -16.89
CA THR C 33 -15.67 13.46 -17.76
C THR C 33 -15.76 12.42 -18.87
N GLN C 34 -14.99 12.63 -19.94
CA GLN C 34 -14.96 11.69 -21.08
C GLN C 34 -13.64 10.94 -21.14
N GLY C 35 -12.70 11.32 -20.28
CA GLY C 35 -11.41 10.67 -20.30
C GLY C 35 -11.07 9.83 -19.08
N GLY C 36 -9.80 9.90 -18.69
CA GLY C 36 -9.34 9.15 -17.55
C GLY C 36 -7.82 9.11 -17.53
N VAL C 37 -7.26 8.81 -16.35
CA VAL C 37 -5.82 8.72 -16.24
C VAL C 37 -5.50 7.28 -15.91
N VAL C 38 -4.45 6.74 -16.52
CA VAL C 38 -4.08 5.36 -16.21
C VAL C 38 -2.73 5.31 -15.58
N LEU C 39 -2.59 4.38 -14.64
CA LEU C 39 -1.34 4.18 -13.95
C LEU C 39 -0.56 3.39 -15.01
N ALA C 40 0.06 4.12 -15.93
CA ALA C 40 0.81 3.53 -17.03
C ALA C 40 1.93 2.65 -16.54
N ALA C 41 2.64 3.12 -15.52
CA ALA C 41 3.74 2.38 -14.96
C ALA C 41 3.80 2.52 -13.46
N TYR C 42 3.91 1.38 -12.78
CA TYR C 42 4.01 1.32 -11.34
C TYR C 42 4.82 0.07 -11.05
N SER C 43 5.93 0.23 -10.36
CA SER C 43 6.81 -0.88 -10.03
C SER C 43 7.60 -0.62 -8.74
N TRP C 44 8.02 -1.69 -8.06
CA TRP C 44 8.78 -1.55 -6.84
C TRP C 44 10.25 -1.85 -7.07
N SER C 45 10.99 -1.94 -5.97
CA SER C 45 12.42 -2.26 -5.94
C SER C 45 13.23 -1.86 -7.18
N ASP C 46 13.92 -2.85 -7.76
CA ASP C 46 14.75 -2.67 -8.95
C ASP C 46 13.95 -2.24 -10.17
N ASP C 47 12.77 -2.82 -10.35
CA ASP C 47 11.91 -2.44 -11.47
C ASP C 47 11.79 -0.92 -11.37
N ALA C 48 11.55 -0.44 -10.15
CA ALA C 48 11.38 0.98 -9.87
C ALA C 48 12.72 1.73 -9.93
N ALA C 49 13.77 1.07 -9.43
CA ALA C 49 15.12 1.65 -9.44
C ALA C 49 15.45 2.21 -10.83
N ARG C 50 14.89 1.55 -11.85
CA ARG C 50 15.07 1.93 -13.25
C ARG C 50 14.61 3.36 -13.54
N TRP C 51 13.30 3.59 -13.46
CA TRP C 51 12.75 4.93 -13.73
C TRP C 51 13.39 5.96 -12.82
N ASP C 52 13.94 5.51 -11.70
CA ASP C 52 14.60 6.40 -10.76
C ASP C 52 15.83 7.04 -11.41
N SER C 53 16.32 6.41 -12.48
CA SER C 53 17.50 6.95 -13.15
C SER C 53 17.12 8.20 -13.94
N PHE C 54 15.91 8.17 -14.49
CA PHE C 54 15.42 9.28 -15.27
C PHE C 54 14.71 10.28 -14.37
N ASP C 55 14.69 11.53 -14.81
CA ASP C 55 14.04 12.57 -14.04
C ASP C 55 12.58 12.66 -14.46
N ASP C 56 11.78 13.14 -13.52
CA ASP C 56 10.35 13.34 -13.66
C ASP C 56 9.87 13.42 -15.13
N ALA C 57 10.22 14.54 -15.77
CA ALA C 57 9.85 14.89 -17.16
C ALA C 57 10.16 13.93 -18.31
N GLU C 58 11.29 13.25 -18.24
CA GLU C 58 11.69 12.31 -19.29
C GLU C 58 10.81 11.04 -19.37
N ARG C 59 10.56 10.47 -18.20
CA ARG C 59 9.78 9.26 -18.02
C ARG C 59 8.53 9.06 -18.88
N TYR C 60 7.75 10.12 -19.07
CA TYR C 60 6.50 10.03 -19.84
C TYR C 60 6.66 9.39 -21.20
N GLY C 61 7.79 9.64 -21.85
CA GLY C 61 8.05 9.07 -23.16
C GLY C 61 7.92 7.55 -23.13
N TYR C 62 8.94 6.88 -22.59
CA TYR C 62 8.91 5.43 -22.52
C TYR C 62 7.58 4.89 -22.05
N ALA C 63 7.09 5.45 -20.95
CA ALA C 63 5.83 5.05 -20.37
C ALA C 63 4.76 4.87 -21.44
N LEU C 64 4.68 5.82 -22.35
CA LEU C 64 3.68 5.73 -23.40
C LEU C 64 4.01 4.60 -24.38
N GLU C 65 5.29 4.49 -24.74
CA GLU C 65 5.76 3.47 -25.69
C GLU C 65 5.49 2.05 -25.18
N ASN C 66 5.89 1.79 -23.93
CA ASN C 66 5.71 0.48 -23.31
C ASN C 66 4.22 0.20 -23.15
N LEU C 67 3.43 1.27 -23.04
CA LEU C 67 1.99 1.15 -22.89
C LEU C 67 1.41 0.70 -24.24
N GLN C 68 1.92 1.29 -25.31
CA GLN C 68 1.51 0.95 -26.67
C GLN C 68 1.87 -0.50 -27.00
N SER C 69 3.04 -0.96 -26.54
CA SER C 69 3.45 -2.34 -26.77
C SER C 69 2.42 -3.37 -26.33
N VAL C 70 1.52 -2.98 -25.44
CA VAL C 70 0.51 -3.91 -24.95
C VAL C 70 -0.88 -3.58 -25.43
N HIS C 71 -1.19 -2.31 -25.62
CA HIS C 71 -2.54 -1.93 -26.03
C HIS C 71 -2.65 -1.47 -27.48
N GLY C 72 -1.50 -1.25 -28.12
CA GLY C 72 -1.49 -0.80 -29.50
C GLY C 72 -0.95 0.62 -29.62
N ARG C 73 -0.34 0.90 -30.76
CA ARG C 73 0.19 2.23 -31.04
C ARG C 73 -0.97 3.21 -31.09
N ARG C 74 -2.12 2.73 -31.55
CA ARG C 74 -3.34 3.54 -31.69
C ARG C 74 -3.68 4.48 -30.50
N ILE C 75 -3.61 3.98 -29.28
CA ILE C 75 -3.93 4.80 -28.09
C ILE C 75 -3.31 6.22 -28.14
N GLU C 76 -2.16 6.36 -28.79
CA GLU C 76 -1.48 7.65 -28.85
C GLU C 76 -2.36 8.84 -29.22
N VAL C 77 -3.46 8.58 -29.91
CA VAL C 77 -4.34 9.68 -30.30
C VAL C 77 -5.00 10.36 -29.09
N PHE C 78 -5.49 9.56 -28.15
CA PHE C 78 -6.14 10.09 -27.00
C PHE C 78 -5.20 10.62 -25.94
N TYR C 79 -3.92 10.32 -26.07
CA TYR C 79 -2.98 10.82 -25.08
C TYR C 79 -3.02 12.35 -25.12
N THR C 80 -3.42 12.95 -24.02
CA THR C 80 -3.51 14.41 -23.91
C THR C 80 -2.15 15.07 -23.90
N GLY C 81 -1.11 14.31 -23.56
CA GLY C 81 0.22 14.88 -23.52
C GLY C 81 0.50 15.35 -22.10
N ALA C 82 -0.39 14.98 -21.19
CA ALA C 82 -0.27 15.33 -19.78
C ALA C 82 -0.03 14.07 -18.96
N GLY C 83 0.99 14.13 -18.12
CA GLY C 83 1.29 12.99 -17.27
C GLY C 83 1.85 13.48 -15.95
N GLN C 84 1.85 12.60 -14.96
CA GLN C 84 2.39 12.93 -13.65
C GLN C 84 3.20 11.73 -13.20
N THR C 85 4.29 11.99 -12.50
CA THR C 85 5.11 10.90 -12.02
C THR C 85 5.54 11.14 -10.59
N GLN C 86 5.47 10.10 -9.77
CA GLN C 86 5.83 10.16 -8.37
C GLN C 86 6.90 9.13 -8.01
N SER C 87 8.11 9.59 -7.72
CA SER C 87 9.18 8.68 -7.32
C SER C 87 9.34 8.83 -5.82
N TRP C 88 9.19 7.74 -5.10
CA TRP C 88 9.30 7.83 -3.67
C TRP C 88 10.70 7.83 -3.08
N LEU C 89 11.68 7.35 -3.84
CA LEU C 89 13.03 7.37 -3.33
C LEU C 89 13.54 8.79 -3.45
N ARG C 90 13.07 9.50 -4.47
CA ARG C 90 13.51 10.88 -4.69
C ARG C 90 12.78 11.90 -3.83
N ASP C 91 11.81 11.42 -3.02
CA ASP C 91 11.04 12.29 -2.12
C ASP C 91 11.79 12.42 -0.80
N PRO C 92 12.26 13.63 -0.48
CA PRO C 92 13.01 13.91 0.74
C PRO C 92 12.18 13.79 2.01
N TYR C 93 10.91 13.41 1.87
CA TYR C 93 10.01 13.28 3.01
C TYR C 93 9.60 11.84 3.24
N ALA C 94 9.71 11.01 2.20
CA ALA C 94 9.36 9.61 2.28
C ALA C 94 10.64 8.81 2.22
N CYS C 95 11.62 9.38 1.51
CA CYS C 95 12.93 8.74 1.35
C CYS C 95 12.79 7.26 0.96
N GLY C 96 11.67 6.90 0.35
CA GLY C 96 11.44 5.54 -0.05
C GLY C 96 9.96 5.27 -0.06
N GLU C 97 9.54 4.14 -0.62
CA GLU C 97 8.11 3.80 -0.66
C GLU C 97 7.62 3.41 0.73
N ALA C 98 8.31 2.47 1.35
CA ALA C 98 7.98 1.94 2.66
C ALA C 98 9.14 1.09 3.15
N ALA C 99 9.14 0.77 4.44
CA ALA C 99 10.18 -0.09 4.96
C ALA C 99 9.80 -1.46 4.47
N VAL C 100 10.79 -2.26 4.14
CA VAL C 100 10.55 -3.61 3.67
C VAL C 100 11.78 -4.34 4.14
N TYR C 101 11.61 -5.23 5.09
CA TYR C 101 12.75 -5.94 5.63
C TYR C 101 13.45 -6.88 4.68
N THR C 102 14.77 -6.99 4.84
CA THR C 102 15.54 -7.93 4.06
C THR C 102 15.52 -9.14 4.98
N PRO C 103 15.81 -10.34 4.48
CA PRO C 103 15.76 -11.46 5.42
C PRO C 103 16.49 -11.28 6.77
N HIS C 104 15.86 -11.83 7.82
CA HIS C 104 16.37 -11.81 9.20
C HIS C 104 16.25 -10.52 10.03
N GLN C 105 16.08 -9.37 9.38
CA GLN C 105 16.01 -8.07 10.04
C GLN C 105 14.94 -7.98 11.13
N MET C 106 13.74 -8.48 10.82
CA MET C 106 12.64 -8.47 11.76
C MET C 106 13.05 -9.14 13.08
N THR C 107 13.49 -10.39 13.04
CA THR C 107 13.87 -11.04 14.29
C THR C 107 15.14 -10.41 14.87
N ALA C 108 15.91 -9.73 14.02
CA ALA C 108 17.15 -9.11 14.50
C ALA C 108 16.91 -7.88 15.37
N PHE C 109 15.86 -7.12 15.08
CA PHE C 109 15.61 -5.90 15.83
C PHE C 109 14.21 -5.29 15.75
N HIS C 110 13.20 -6.00 15.26
CA HIS C 110 11.88 -5.37 15.19
C HIS C 110 11.23 -5.08 16.54
N LEU C 111 11.49 -5.93 17.53
CA LEU C 111 10.94 -5.71 18.86
C LEU C 111 11.55 -4.41 19.42
N ASP C 112 12.79 -4.11 19.03
CA ASP C 112 13.44 -2.88 19.49
C ASP C 112 12.91 -1.69 18.72
N VAL C 113 12.30 -1.94 17.57
CA VAL C 113 11.78 -0.85 16.77
C VAL C 113 10.61 -0.18 17.49
N VAL C 114 9.73 -1.00 18.06
CA VAL C 114 8.55 -0.53 18.77
C VAL C 114 8.83 0.11 20.13
N ARG C 115 9.83 -0.42 20.82
CA ARG C 115 10.20 0.08 22.14
C ARG C 115 10.35 1.61 22.18
N PRO C 116 9.73 2.26 23.18
CA PRO C 116 9.87 3.72 23.26
C PRO C 116 11.26 4.03 23.81
N GLU C 117 11.76 5.23 23.53
CA GLU C 117 13.08 5.61 24.05
C GLU C 117 12.80 6.80 24.95
N GLY C 118 12.92 6.58 26.25
CA GLY C 118 12.64 7.63 27.22
C GLY C 118 11.26 8.18 26.98
N PRO C 119 11.12 9.49 26.82
CA PRO C 119 9.81 10.06 26.58
C PRO C 119 9.46 10.02 25.09
N VAL C 120 10.34 9.44 24.29
CA VAL C 120 10.09 9.39 22.85
C VAL C 120 9.41 8.10 22.41
N TYR C 121 8.28 8.27 21.73
CA TYR C 121 7.48 7.16 21.22
C TYR C 121 7.51 7.11 19.70
N PHE C 122 7.42 5.91 19.14
CA PHE C 122 7.45 5.75 17.69
C PHE C 122 6.20 5.12 17.09
N ALA C 123 5.78 5.63 15.94
CA ALA C 123 4.61 5.10 15.26
C ALA C 123 4.83 5.26 13.77
N GLY C 124 3.86 4.77 13.00
CA GLY C 124 3.96 4.86 11.55
C GLY C 124 4.16 3.51 10.88
N GLU C 125 3.73 3.44 9.62
CA GLU C 125 3.83 2.25 8.78
C GLU C 125 4.93 1.25 9.18
N HIS C 126 6.15 1.75 9.34
CA HIS C 126 7.26 0.86 9.67
C HIS C 126 7.33 0.27 11.08
N VAL C 127 6.64 0.87 12.04
CA VAL C 127 6.68 0.35 13.41
C VAL C 127 5.80 -0.89 13.49
N SER C 128 4.85 -1.00 12.57
CA SER C 128 3.95 -2.14 12.54
C SER C 128 4.58 -3.34 11.83
N LEU C 129 3.73 -4.27 11.43
CA LEU C 129 4.18 -5.45 10.69
C LEU C 129 3.23 -5.61 9.53
N LYS C 130 2.74 -4.47 9.05
CA LYS C 130 1.86 -4.40 7.92
C LYS C 130 2.44 -3.25 7.09
N HIS C 131 3.73 -3.36 6.81
CA HIS C 131 4.48 -2.39 6.04
C HIS C 131 3.88 -2.09 4.67
N ALA C 132 4.06 -0.86 4.19
CA ALA C 132 3.52 -0.47 2.90
C ALA C 132 2.00 -0.54 2.91
N TRP C 133 1.44 -0.32 4.09
CA TRP C 133 0.00 -0.31 4.30
C TRP C 133 -0.37 0.81 5.28
N ILE C 134 -1.55 1.39 5.11
CA ILE C 134 -2.00 2.44 6.00
C ILE C 134 -2.39 1.76 7.31
N GLU C 135 -3.05 0.62 7.23
CA GLU C 135 -3.47 -0.08 8.43
C GLU C 135 -2.34 -0.14 9.45
N GLY C 136 -1.12 -0.38 8.98
CA GLY C 136 0.00 -0.45 9.91
C GLY C 136 0.19 0.91 10.55
N ALA C 137 0.18 1.93 9.70
CA ALA C 137 0.35 3.30 10.15
C ALA C 137 -0.62 3.57 11.31
N VAL C 138 -1.92 3.61 10.98
CA VAL C 138 -3.01 3.86 11.94
C VAL C 138 -2.91 2.97 13.18
N GLU C 139 -2.82 1.68 12.92
CA GLU C 139 -2.70 0.69 13.97
C GLU C 139 -1.67 1.15 15.02
N THR C 140 -0.48 1.56 14.57
CA THR C 140 0.58 1.99 15.50
C THR C 140 0.35 3.41 16.01
N ALA C 141 -0.42 4.20 15.29
CA ALA C 141 -0.67 5.56 15.72
C ALA C 141 -1.47 5.46 17.03
N VAL C 142 -2.60 4.76 16.96
CA VAL C 142 -3.46 4.54 18.11
C VAL C 142 -2.61 4.02 19.23
N ARG C 143 -1.99 2.86 19.02
CA ARG C 143 -1.14 2.26 20.04
C ARG C 143 -0.24 3.30 20.70
N ALA C 144 0.27 4.23 19.92
CA ALA C 144 1.15 5.23 20.46
C ALA C 144 0.38 6.15 21.40
N ALA C 145 -0.75 6.67 20.94
CA ALA C 145 -1.59 7.56 21.74
C ALA C 145 -2.04 6.87 23.04
N ILE C 146 -2.30 5.57 22.98
CA ILE C 146 -2.69 4.88 24.19
C ILE C 146 -1.57 4.95 25.23
N ALA C 147 -0.34 4.68 24.84
CA ALA C 147 0.75 4.72 25.81
C ALA C 147 1.04 6.11 26.36
N VAL C 148 1.11 7.14 25.51
CA VAL C 148 1.40 8.47 26.01
C VAL C 148 0.24 9.04 26.81
N ASN C 149 -0.99 8.70 26.42
CA ASN C 149 -2.17 9.20 27.11
C ASN C 149 -2.18 8.92 28.59
N GLU C 150 -2.04 7.64 28.92
CA GLU C 150 -2.05 7.19 30.29
C GLU C 150 -0.65 7.19 30.90
N ALA C 151 0.27 7.90 30.27
CA ALA C 151 1.65 7.95 30.75
C ALA C 151 1.84 8.91 31.92
N PRO C 152 2.49 8.43 32.98
CA PRO C 152 2.77 9.20 34.20
C PRO C 152 3.50 10.52 33.90
N VAL C 153 2.81 11.66 34.03
CA VAL C 153 3.42 12.97 33.76
C VAL C 153 4.48 13.40 34.80
#